data_3WEC
#
_entry.id   3WEC
#
_cell.length_a   41.460
_cell.length_b   100.040
_cell.length_c   52.290
_cell.angle_alpha   90.00
_cell.angle_beta   108.72
_cell.angle_gamma   90.00
#
_symmetry.space_group_name_H-M   'P 1 21 1'
#
loop_
_entity.id
_entity.type
_entity.pdbx_description
1 polymer 'Cytochrome P450'
2 non-polymer 'PROTOPORPHYRIN IX CONTAINING FE'
3 non-polymer 3-[(2E,6E,9R)-9-hydroxy-3,7,11-trimethyldodeca-2,6,10-trien-1-yl]-2-methylquinolin-4(1H)-one
4 water water
#
_entity_poly.entity_id   1
_entity_poly.type   'polypeptide(L)'
_entity_poly.pdbx_seq_one_letter_code
;MTHTVDDTGDLALAVNPFDPTFKADPYPVYARLRTELPIHRSALGAWIVADYTSCDKVLRSRLFGKDFANSTFFDHLTSM
MGEDMPPFLGLGIDGDARPFMLTDPPEHTRLRGLVSDAFTRSTTTSMDDIVLSAASSAVRHLEHCTDAVSEVAEPFPVEV
LSSILGIPDKDRGRFSEWSNLVAGVLDINFAIPKEVADRRSAAIEESIDYFRTLATSGNAPEGLVRRLSEVSHGGDQLSV
DEIAATCLLITVAGQETTSNTIGNMLITFSRHADQFEQVRANPQFIENAVAEVLRFEPPAHEAGRIALEDCEVSGANITK
GDAVMVLLASGNREAVERGDTFSVTRPDVSSLSYGRGIHHCLGSALANSMLQHFLRELSQRYRSIEVAEPINYKPGMGLR
GPETLSVAVSRLEHHHHHH
;
_entity_poly.pdbx_strand_id   A
#
# COMPACT_ATOMS: atom_id res chain seq x y z
N LEU A 11 7.83 22.18 -19.98
CA LEU A 11 8.49 21.05 -20.70
C LEU A 11 9.56 20.41 -19.82
N ALA A 12 10.32 21.24 -19.10
CA ALA A 12 11.32 20.80 -18.11
C ALA A 12 10.66 20.36 -16.79
N LEU A 13 9.36 20.58 -16.69
CA LEU A 13 8.53 20.13 -15.59
C LEU A 13 8.29 18.62 -15.72
N ALA A 14 7.96 18.18 -16.93
CA ALA A 14 7.71 16.76 -17.20
C ALA A 14 8.89 15.89 -16.79
N VAL A 15 10.07 16.22 -17.30
CA VAL A 15 11.33 15.54 -16.96
C VAL A 15 11.55 15.44 -15.44
N ASN A 16 10.79 16.23 -14.68
CA ASN A 16 10.96 16.27 -13.22
C ASN A 16 10.47 15.06 -12.38
N PRO A 17 9.25 14.53 -12.61
CA PRO A 17 8.99 13.15 -12.15
C PRO A 17 9.79 12.10 -12.96
N PHE A 18 10.78 11.40 -12.38
CA PHE A 18 10.95 11.19 -10.94
C PHE A 18 12.35 10.68 -10.55
N ASP A 19 12.70 10.90 -9.28
CA ASP A 19 13.86 10.28 -8.54
C ASP A 19 15.24 11.00 -8.48
N PRO A 20 15.47 12.01 -9.34
CA PRO A 20 16.63 12.88 -9.08
C PRO A 20 16.55 13.54 -7.70
N THR A 21 16.17 12.74 -6.70
CA THR A 21 15.68 13.20 -5.39
C THR A 21 14.47 14.18 -5.47
N PHE A 22 13.66 13.94 -6.50
CA PHE A 22 12.24 14.19 -6.47
C PHE A 22 11.72 13.31 -5.31
N LYS A 23 12.36 12.13 -5.18
CA LYS A 23 12.14 11.15 -4.09
C LYS A 23 11.96 11.81 -2.73
N ALA A 24 12.99 12.54 -2.27
CA ALA A 24 13.05 13.19 -0.94
C ALA A 24 11.97 14.23 -0.64
N ASP A 25 11.51 14.92 -1.66
CA ASP A 25 10.41 15.87 -1.55
C ASP A 25 9.80 16.06 -2.92
N PRO A 26 8.58 15.50 -3.10
CA PRO A 26 7.95 15.59 -4.41
C PRO A 26 6.85 16.64 -4.46
N TYR A 27 6.41 17.12 -3.30
CA TYR A 27 5.25 18.03 -3.21
C TYR A 27 5.39 19.37 -3.92
N PRO A 28 6.52 20.07 -3.76
CA PRO A 28 6.57 21.32 -4.54
C PRO A 28 6.46 21.07 -6.05
N VAL A 29 6.85 19.87 -6.50
CA VAL A 29 6.80 19.52 -7.92
C VAL A 29 5.39 19.10 -8.30
N TYR A 30 4.72 18.43 -7.37
CA TYR A 30 3.30 18.11 -7.46
C TYR A 30 2.50 19.40 -7.51
N ALA A 31 2.97 20.43 -6.79
CA ALA A 31 2.35 21.73 -6.84
C ALA A 31 2.43 22.33 -8.26
N ARG A 32 3.66 22.40 -8.81
CA ARG A 32 3.91 22.83 -10.20
C ARG A 32 2.93 22.15 -11.15
N LEU A 33 2.87 20.81 -11.10
CA LEU A 33 1.92 20.02 -11.88
C LEU A 33 0.44 20.48 -11.83
N ARG A 34 -0.09 20.69 -10.62
CA ARG A 34 -1.49 21.11 -10.48
C ARG A 34 -1.78 22.52 -11.01
N THR A 35 -0.90 23.49 -10.75
CA THR A 35 -1.10 24.87 -11.25
C THR A 35 -0.92 24.97 -12.77
N GLU A 36 0.03 24.20 -13.31
CA GLU A 36 0.48 24.38 -14.71
C GLU A 36 0.09 23.24 -15.68
N LEU A 37 0.30 21.99 -15.27
CA LEU A 37 0.23 20.81 -16.14
C LEU A 37 -0.49 19.65 -15.42
N PRO A 38 -1.83 19.76 -15.27
CA PRO A 38 -2.61 18.79 -14.51
C PRO A 38 -2.60 17.36 -15.12
N ILE A 39 -2.49 17.25 -16.45
CA ILE A 39 -2.43 15.94 -17.11
C ILE A 39 -1.38 15.97 -18.21
N HIS A 40 -0.58 14.92 -18.36
CA HIS A 40 0.35 14.88 -19.49
C HIS A 40 0.84 13.50 -19.78
N ARG A 41 1.20 13.26 -21.04
CA ARG A 41 1.89 12.05 -21.43
C ARG A 41 3.31 12.12 -20.87
N SER A 42 3.63 11.12 -20.05
CA SER A 42 4.91 11.02 -19.36
C SER A 42 6.07 10.85 -20.34
N ALA A 43 5.81 10.09 -21.40
CA ALA A 43 6.83 9.77 -22.40
C ALA A 43 8.04 9.02 -21.77
N LEU A 44 7.92 8.72 -20.48
CA LEU A 44 8.53 7.50 -19.97
C LEU A 44 7.62 6.45 -20.60
N GLY A 45 6.31 6.70 -20.50
CA GLY A 45 5.27 5.88 -21.12
C GLY A 45 3.84 6.33 -20.86
N ALA A 46 3.46 6.32 -19.59
CA ALA A 46 2.07 6.55 -19.18
C ALA A 46 1.64 8.03 -19.09
N TRP A 47 0.34 8.26 -18.96
CA TRP A 47 -0.22 9.56 -18.57
C TRP A 47 -0.04 9.77 -17.11
N ILE A 48 0.08 11.04 -16.69
CA ILE A 48 0.23 11.39 -15.27
C ILE A 48 -0.89 12.35 -14.91
N VAL A 49 -1.59 12.09 -13.81
CA VAL A 49 -2.77 12.88 -13.45
C VAL A 49 -2.62 13.44 -12.02
N ALA A 50 -2.81 14.76 -11.86
CA ALA A 50 -2.39 15.45 -10.63
C ALA A 50 -3.48 16.08 -9.75
N ASP A 51 -4.63 16.40 -10.37
CA ASP A 51 -5.69 17.11 -9.66
C ASP A 51 -6.67 16.19 -8.99
N TYR A 52 -7.03 16.51 -7.74
CA TYR A 52 -8.08 15.81 -7.03
C TYR A 52 -9.23 15.33 -7.94
N THR A 53 -9.89 16.24 -8.62
CA THR A 53 -11.16 15.85 -9.27
C THR A 53 -10.97 14.76 -10.33
N SER A 54 -9.99 14.95 -11.23
CA SER A 54 -9.68 13.95 -12.28
C SER A 54 -9.18 12.63 -11.70
N CYS A 55 -8.34 12.73 -10.66
CA CYS A 55 -7.86 11.53 -9.92
C CYS A 55 -9.03 10.65 -9.46
N ASP A 56 -10.01 11.26 -8.77
CA ASP A 56 -11.19 10.57 -8.27
C ASP A 56 -11.92 9.99 -9.45
N LYS A 57 -12.20 10.87 -10.40
CA LYS A 57 -12.91 10.55 -11.63
C LYS A 57 -12.34 9.30 -12.32
N VAL A 58 -11.01 9.25 -12.52
CA VAL A 58 -10.36 8.11 -13.19
C VAL A 58 -10.34 6.80 -12.35
N LEU A 59 -10.07 6.93 -11.04
CA LEU A 59 -10.13 5.75 -10.13
C LEU A 59 -11.53 5.11 -10.16
N ARG A 60 -12.58 5.94 -10.26
CA ARG A 60 -13.97 5.48 -10.15
C ARG A 60 -14.56 4.95 -11.46
N SER A 61 -14.11 5.51 -12.57
CA SER A 61 -14.76 5.28 -13.88
C SER A 61 -14.73 3.81 -14.38
N ARG A 62 -15.82 3.34 -14.98
CA ARG A 62 -15.79 2.02 -15.59
C ARG A 62 -15.15 2.02 -16.99
N LEU A 63 -14.66 3.18 -17.42
CA LEU A 63 -13.85 3.30 -18.63
C LEU A 63 -12.35 3.06 -18.37
N PHE A 64 -11.99 2.88 -17.10
CA PHE A 64 -10.61 2.56 -16.72
C PHE A 64 -10.51 1.31 -15.90
N GLY A 65 -9.53 0.46 -16.25
CA GLY A 65 -9.34 -0.83 -15.55
C GLY A 65 -7.91 -1.14 -15.10
N LYS A 66 -7.67 -2.39 -14.69
CA LYS A 66 -6.43 -2.76 -13.99
C LYS A 66 -5.83 -4.06 -14.52
N ASP A 67 -6.34 -4.54 -15.64
CA ASP A 67 -5.75 -5.70 -16.35
C ASP A 67 -4.32 -5.41 -16.82
N PHE A 68 -3.42 -5.19 -15.88
CA PHE A 68 -2.06 -4.75 -16.22
C PHE A 68 -1.15 -5.74 -16.99
N ALA A 69 -1.34 -7.04 -16.78
CA ALA A 69 -0.47 -8.04 -17.42
C ALA A 69 -0.75 -8.18 -18.90
N ASN A 70 -1.99 -7.92 -19.30
CA ASN A 70 -2.35 -7.95 -20.71
C ASN A 70 -2.27 -6.58 -21.40
N SER A 71 -1.68 -5.61 -20.72
CA SER A 71 -1.44 -4.28 -21.30
C SER A 71 -0.05 -4.20 -21.95
N THR A 72 0.16 -3.20 -22.80
CA THR A 72 1.48 -2.96 -23.39
C THR A 72 2.40 -2.21 -22.42
N PHE A 73 1.88 -1.80 -21.26
CA PHE A 73 2.64 -0.91 -20.39
C PHE A 73 4.04 -1.38 -19.99
N PHE A 74 4.17 -2.67 -19.67
CA PHE A 74 5.45 -3.21 -19.22
C PHE A 74 6.38 -3.42 -20.38
N ASP A 75 5.82 -3.85 -21.50
CA ASP A 75 6.60 -3.89 -22.71
C ASP A 75 7.20 -2.51 -22.91
N HIS A 76 6.38 -1.47 -22.81
CA HIS A 76 6.87 -0.11 -23.08
C HIS A 76 7.88 0.33 -22.06
N LEU A 77 7.61 0.06 -20.79
CA LEU A 77 8.46 0.51 -19.68
C LEU A 77 9.85 -0.08 -19.78
N THR A 78 9.87 -1.36 -20.08
CA THR A 78 11.05 -2.22 -20.18
C THR A 78 11.95 -1.77 -21.33
N SER A 79 11.33 -1.49 -22.47
CA SER A 79 12.01 -0.95 -23.65
C SER A 79 12.60 0.41 -23.36
N MET A 80 11.89 1.20 -22.58
CA MET A 80 12.34 2.55 -22.23
C MET A 80 13.49 2.52 -21.20
N MET A 81 13.38 1.60 -20.25
CA MET A 81 14.36 1.46 -19.18
C MET A 81 15.61 0.73 -19.70
N GLY A 82 15.44 -0.02 -20.78
CA GLY A 82 16.50 -0.88 -21.34
C GLY A 82 16.87 -1.97 -20.36
N GLU A 83 15.88 -2.49 -19.63
CA GLU A 83 16.11 -3.41 -18.52
C GLU A 83 14.93 -4.39 -18.33
N ASP A 84 15.22 -5.59 -17.82
CA ASP A 84 14.17 -6.59 -17.57
C ASP A 84 13.33 -6.18 -16.35
N MET A 85 12.03 -6.44 -16.38
CA MET A 85 11.16 -6.32 -15.20
C MET A 85 11.66 -7.12 -14.00
N PRO A 86 11.74 -6.47 -12.83
CA PRO A 86 11.97 -7.13 -11.53
C PRO A 86 10.72 -7.94 -11.17
N PRO A 87 10.81 -8.89 -10.23
CA PRO A 87 9.59 -9.59 -9.78
C PRO A 87 8.54 -8.60 -9.28
N PHE A 88 7.35 -8.69 -9.84
CA PHE A 88 6.31 -7.71 -9.60
C PHE A 88 4.92 -8.38 -9.59
N LEU A 89 4.16 -8.12 -8.52
CA LEU A 89 2.74 -8.47 -8.42
C LEU A 89 2.04 -7.98 -9.68
N GLY A 90 1.31 -8.84 -10.37
CA GLY A 90 0.68 -8.33 -11.58
C GLY A 90 1.47 -8.40 -12.90
N LEU A 91 2.74 -8.79 -12.81
CA LEU A 91 3.32 -9.62 -13.87
C LEU A 91 2.60 -10.94 -13.63
N GLY A 92 1.86 -10.95 -12.51
CA GLY A 92 1.07 -12.10 -12.09
C GLY A 92 1.97 -13.29 -11.85
N ILE A 93 1.38 -14.48 -11.88
CA ILE A 93 2.19 -15.70 -11.89
C ILE A 93 1.85 -16.51 -13.15
N ASP A 94 2.79 -16.54 -14.09
CA ASP A 94 2.63 -17.23 -15.40
C ASP A 94 1.55 -16.58 -16.29
N GLY A 95 1.58 -15.25 -16.39
CA GLY A 95 0.59 -14.52 -17.19
C GLY A 95 -0.68 -14.17 -16.42
N ASP A 96 -1.14 -15.11 -15.60
CA ASP A 96 -2.36 -14.96 -14.75
C ASP A 96 -2.16 -13.98 -13.56
N ALA A 97 -2.49 -12.71 -13.79
CA ALA A 97 -2.49 -11.70 -12.73
C ALA A 97 -3.83 -11.63 -11.99
N ARG A 98 -4.75 -12.50 -12.39
CA ARG A 98 -6.15 -12.44 -11.96
C ARG A 98 -6.37 -12.53 -10.44
N PRO A 99 -5.88 -13.59 -9.78
CA PRO A 99 -6.20 -13.62 -8.36
C PRO A 99 -5.46 -12.53 -7.54
N PHE A 100 -4.72 -11.65 -8.24
CA PHE A 100 -4.10 -10.48 -7.62
C PHE A 100 -4.96 -9.18 -7.71
N MET A 101 -6.20 -9.32 -8.17
CA MET A 101 -7.13 -8.19 -8.32
C MET A 101 -6.64 -7.15 -9.32
N LEU A 102 -5.58 -7.47 -10.08
CA LEU A 102 -5.21 -6.69 -11.27
C LEU A 102 -6.05 -7.15 -12.43
N THR A 103 -7.36 -6.93 -12.27
CA THR A 103 -8.36 -7.39 -13.21
C THR A 103 -9.65 -6.57 -13.09
N ASP A 104 -10.51 -6.75 -14.06
CA ASP A 104 -11.72 -5.96 -14.19
C ASP A 104 -12.88 -6.93 -14.14
N PRO A 105 -14.09 -6.41 -13.92
CA PRO A 105 -15.29 -7.22 -14.09
C PRO A 105 -15.30 -7.99 -15.41
N PRO A 106 -15.91 -9.18 -15.43
CA PRO A 106 -16.63 -9.80 -14.30
C PRO A 106 -15.74 -10.63 -13.36
N GLU A 107 -14.51 -10.95 -13.79
CA GLU A 107 -13.53 -11.65 -12.94
C GLU A 107 -13.25 -10.97 -11.63
N HIS A 108 -13.03 -9.65 -11.66
CA HIS A 108 -12.64 -8.96 -10.43
C HIS A 108 -13.80 -9.03 -9.50
N THR A 109 -15.01 -8.78 -10.02
CA THR A 109 -16.26 -8.85 -9.26
C THR A 109 -16.40 -10.18 -8.51
N ARG A 110 -16.20 -11.29 -9.21
CA ARG A 110 -16.28 -12.63 -8.59
C ARG A 110 -15.23 -12.78 -7.49
N LEU A 111 -13.99 -12.51 -7.83
CA LEU A 111 -12.87 -12.66 -6.87
C LEU A 111 -13.01 -11.75 -5.63
N ARG A 112 -13.43 -10.50 -5.85
CA ARG A 112 -13.60 -9.51 -4.77
C ARG A 112 -14.63 -9.94 -3.78
N GLY A 113 -15.78 -10.39 -4.30
CA GLY A 113 -16.88 -10.78 -3.45
C GLY A 113 -16.54 -11.96 -2.56
N LEU A 114 -15.93 -12.99 -3.14
CA LEU A 114 -15.59 -14.18 -2.39
C LEU A 114 -14.48 -13.83 -1.36
N VAL A 115 -13.47 -13.12 -1.80
CA VAL A 115 -12.36 -12.79 -0.94
C VAL A 115 -12.78 -11.86 0.21
N SER A 116 -13.47 -10.77 -0.10
CA SER A 116 -13.84 -9.83 0.96
C SER A 116 -14.82 -10.42 1.94
N ASP A 117 -15.59 -11.46 1.53
CA ASP A 117 -16.50 -12.11 2.48
C ASP A 117 -15.63 -12.84 3.54
N ALA A 118 -14.66 -13.63 3.08
CA ALA A 118 -13.77 -14.30 4.01
C ALA A 118 -12.91 -13.31 4.80
N PHE A 119 -12.57 -12.19 4.18
CA PHE A 119 -11.53 -11.32 4.74
C PHE A 119 -12.09 -10.60 5.98
N THR A 120 -13.35 -10.22 5.88
CA THR A 120 -14.05 -9.51 6.91
C THR A 120 -14.29 -10.41 8.12
N ARG A 121 -14.65 -11.66 7.88
CA ARG A 121 -14.88 -12.62 8.93
C ARG A 121 -13.63 -12.92 9.72
N SER A 122 -12.48 -12.69 9.09
CA SER A 122 -11.17 -12.88 9.68
C SER A 122 -10.61 -11.60 10.23
N THR A 123 -11.37 -10.53 10.14
CA THR A 123 -10.82 -9.23 10.59
C THR A 123 -11.83 -8.49 11.48
N THR A 124 -12.61 -9.22 12.27
CA THR A 124 -13.66 -8.61 13.13
C THR A 124 -13.09 -8.14 14.50
N THR A 125 -13.93 -7.51 15.33
CA THR A 125 -13.44 -6.98 16.60
C THR A 125 -12.95 -8.08 17.56
N SER A 126 -13.22 -9.33 17.22
CA SER A 126 -12.70 -10.47 17.96
C SER A 126 -11.17 -10.59 17.88
N MET A 127 -10.57 -10.13 16.79
CA MET A 127 -9.13 -10.17 16.52
CA MET A 127 -9.11 -10.23 16.73
C MET A 127 -8.42 -8.89 16.99
N ASP A 128 -9.20 -7.93 17.47
CA ASP A 128 -8.70 -6.62 17.88
C ASP A 128 -7.60 -6.66 18.94
N ASP A 129 -7.76 -7.56 19.93
CA ASP A 129 -6.78 -7.75 21.02
C ASP A 129 -5.38 -8.04 20.48
N ILE A 130 -5.30 -8.79 19.40
CA ILE A 130 -4.00 -9.13 18.87
C ILE A 130 -3.39 -7.98 18.02
N VAL A 131 -4.24 -7.09 17.51
CA VAL A 131 -3.75 -5.89 16.81
C VAL A 131 -3.11 -4.95 17.82
N LEU A 132 -3.83 -4.72 18.91
CA LEU A 132 -3.35 -3.92 20.03
C LEU A 132 -2.04 -4.46 20.60
N SER A 133 -1.95 -5.77 20.76
CA SER A 133 -0.77 -6.43 21.32
C SER A 133 0.43 -6.14 20.44
N ALA A 134 0.26 -6.38 19.14
CA ALA A 134 1.28 -6.06 18.15
C ALA A 134 1.61 -4.55 18.16
N ALA A 135 0.59 -3.69 18.23
CA ALA A 135 0.88 -2.21 18.19
C ALA A 135 1.68 -1.82 19.42
N SER A 136 1.22 -2.24 20.61
CA SER A 136 1.88 -1.84 21.84
C SER A 136 3.28 -2.40 21.95
N SER A 137 3.51 -3.65 21.54
CA SER A 137 4.88 -4.17 21.53
C SER A 137 5.81 -3.30 20.68
N ALA A 138 5.32 -2.89 19.51
CA ALA A 138 6.10 -2.10 18.54
C ALA A 138 6.38 -0.72 19.12
N VAL A 139 5.32 -0.08 19.62
CA VAL A 139 5.44 1.22 20.24
C VAL A 139 6.47 1.15 21.37
N ARG A 140 6.48 0.03 22.10
CA ARG A 140 7.46 -0.25 23.15
C ARG A 140 8.90 -0.45 22.63
N HIS A 141 9.03 -1.12 21.50
CA HIS A 141 10.34 -1.37 20.87
C HIS A 141 11.06 -0.11 20.41
N LEU A 142 10.27 0.91 20.06
CA LEU A 142 10.77 2.25 19.64
C LEU A 142 11.80 2.94 20.56
N GLU A 143 11.76 2.73 21.88
CA GLU A 143 12.73 3.39 22.75
C GLU A 143 14.12 2.74 22.77
N HIS A 144 14.25 1.53 22.24
CA HIS A 144 15.53 0.82 22.25
C HIS A 144 15.79 0.12 20.95
N CYS A 145 15.56 0.86 19.87
CA CYS A 145 15.87 0.39 18.56
C CYS A 145 16.92 1.32 17.98
N THR A 146 17.63 0.81 16.98
CA THR A 146 18.54 1.62 16.17
C THR A 146 17.82 2.10 14.90
N ASP A 147 17.08 1.20 14.26
CA ASP A 147 16.34 1.51 13.06
C ASP A 147 14.87 1.19 13.26
N ALA A 148 14.04 2.22 13.24
CA ALA A 148 12.60 2.08 13.44
C ALA A 148 11.97 1.44 12.24
N VAL A 149 12.63 1.50 11.06
CA VAL A 149 12.04 0.79 9.92
C VAL A 149 12.08 -0.73 10.08
N SER A 150 13.27 -1.29 10.30
CA SER A 150 13.41 -2.75 10.33
C SER A 150 13.07 -3.39 11.68
N GLU A 151 13.05 -2.61 12.75
CA GLU A 151 12.79 -3.16 14.08
C GLU A 151 11.38 -2.91 14.57
N VAL A 152 10.69 -1.98 13.93
CA VAL A 152 9.39 -1.58 14.45
C VAL A 152 8.31 -1.48 13.41
N ALA A 153 8.56 -0.72 12.36
CA ALA A 153 7.49 -0.60 11.38
C ALA A 153 7.30 -1.90 10.62
N GLU A 154 8.39 -2.56 10.24
CA GLU A 154 8.17 -3.69 9.33
C GLU A 154 7.59 -4.95 10.04
N PRO A 155 8.02 -5.24 11.30
CA PRO A 155 7.45 -6.40 11.97
C PRO A 155 5.99 -6.28 12.39
N PHE A 156 5.49 -5.06 12.57
CA PHE A 156 4.13 -4.88 13.07
C PHE A 156 3.08 -5.50 12.09
N PRO A 157 3.01 -5.05 10.82
CA PRO A 157 2.10 -5.75 9.91
C PRO A 157 2.41 -7.24 9.68
N VAL A 158 3.69 -7.65 9.73
CA VAL A 158 4.03 -9.08 9.60
C VAL A 158 3.41 -9.88 10.75
N GLU A 159 3.41 -9.33 11.96
CA GLU A 159 2.86 -10.05 13.07
C GLU A 159 1.36 -10.11 12.90
N VAL A 160 0.75 -9.00 12.47
CA VAL A 160 -0.72 -8.94 12.37
C VAL A 160 -1.28 -9.88 11.29
N LEU A 161 -0.64 -9.86 10.12
CA LEU A 161 -1.06 -10.68 9.02
C LEU A 161 -0.86 -12.16 9.28
N SER A 162 0.25 -12.51 9.91
CA SER A 162 0.47 -13.89 10.38
C SER A 162 -0.72 -14.38 11.19
N SER A 163 -1.30 -13.48 12.00
CA SER A 163 -2.42 -13.83 12.89
C SER A 163 -3.76 -13.84 12.12
N ILE A 164 -4.05 -12.80 11.32
CA ILE A 164 -5.20 -12.82 10.39
C ILE A 164 -5.28 -14.12 9.52
N LEU A 165 -4.15 -14.56 8.97
CA LEU A 165 -4.09 -15.72 8.05
C LEU A 165 -4.21 -17.11 8.71
N GLY A 166 -3.87 -17.19 10.01
CA GLY A 166 -3.96 -18.43 10.76
C GLY A 166 -2.72 -19.24 10.45
N ILE A 167 -1.57 -18.56 10.37
CA ILE A 167 -0.30 -19.28 10.21
C ILE A 167 0.03 -20.00 11.53
N PRO A 168 0.24 -21.34 11.45
CA PRO A 168 0.52 -22.19 12.62
C PRO A 168 1.82 -21.75 13.28
N ASP A 169 1.91 -21.91 14.59
CA ASP A 169 3.08 -21.51 15.38
C ASP A 169 4.44 -21.86 14.74
N LYS A 170 4.55 -23.11 14.28
CA LYS A 170 5.75 -23.67 13.63
C LYS A 170 6.22 -22.97 12.34
N ASP A 171 5.31 -22.28 11.65
CA ASP A 171 5.63 -21.69 10.34
C ASP A 171 5.84 -20.18 10.44
N ARG A 172 5.85 -19.63 11.65
CA ARG A 172 5.91 -18.19 11.81
C ARG A 172 7.22 -17.61 11.28
N GLY A 173 8.33 -18.25 11.69
CA GLY A 173 9.67 -17.98 11.15
C GLY A 173 9.69 -18.03 9.62
N ARG A 174 9.01 -19.01 9.03
CA ARG A 174 9.00 -19.18 7.56
C ARG A 174 8.19 -18.05 6.89
N PHE A 175 7.01 -17.78 7.44
CA PHE A 175 6.18 -16.71 6.97
C PHE A 175 6.84 -15.33 7.05
N SER A 176 7.50 -15.04 8.16
CA SER A 176 8.17 -13.77 8.34
C SER A 176 9.34 -13.63 7.36
N GLU A 177 10.06 -14.71 7.09
CA GLU A 177 11.10 -14.65 6.04
C GLU A 177 10.54 -14.42 4.63
N TRP A 178 9.63 -15.28 4.20
CA TRP A 178 8.87 -14.99 2.96
C TRP A 178 8.39 -13.55 2.92
N SER A 179 7.89 -13.07 4.04
CA SER A 179 7.12 -11.78 3.98
C SER A 179 8.10 -10.66 3.73
N ASN A 180 9.30 -10.89 4.18
CA ASN A 180 10.37 -9.98 3.94
C ASN A 180 10.84 -9.94 2.45
N LEU A 181 11.17 -11.08 1.85
CA LEU A 181 11.49 -11.17 0.43
C LEU A 181 10.32 -10.67 -0.44
N VAL A 182 9.10 -10.99 -0.06
CA VAL A 182 8.04 -10.58 -1.00
C VAL A 182 7.66 -9.12 -0.91
N ALA A 183 7.90 -8.45 0.24
CA ALA A 183 7.37 -7.06 0.47
C ALA A 183 7.62 -6.12 -0.69
N GLY A 184 8.80 -6.15 -1.34
CA GLY A 184 9.13 -5.17 -2.42
C GLY A 184 8.50 -5.47 -3.81
N VAL A 185 7.86 -6.62 -3.89
CA VAL A 185 7.14 -7.07 -5.06
C VAL A 185 5.85 -6.22 -5.25
N LEU A 186 5.59 -5.28 -4.35
CA LEU A 186 4.45 -4.35 -4.51
C LEU A 186 4.86 -3.23 -5.45
N ASP A 187 6.14 -2.91 -5.49
CA ASP A 187 6.54 -1.75 -6.24
C ASP A 187 7.41 -2.18 -7.43
N ILE A 188 7.52 -1.30 -8.42
CA ILE A 188 8.45 -1.53 -9.50
C ILE A 188 9.78 -0.87 -9.14
N ASN A 189 10.88 -1.63 -9.28
CA ASN A 189 12.23 -1.13 -9.01
C ASN A 189 13.23 -1.83 -9.89
N PHE A 190 13.81 -1.09 -10.83
CA PHE A 190 14.82 -1.60 -11.75
C PHE A 190 16.21 -1.36 -11.17
N ALA A 191 16.29 -1.15 -9.87
CA ALA A 191 17.63 -1.06 -9.26
C ALA A 191 17.75 -2.25 -8.30
N ILE A 192 17.67 -3.44 -8.89
CA ILE A 192 17.60 -4.71 -8.17
C ILE A 192 18.49 -5.73 -8.88
N PRO A 193 19.63 -6.09 -8.26
CA PRO A 193 20.51 -7.14 -8.77
C PRO A 193 19.78 -8.48 -8.94
N LYS A 194 20.43 -9.37 -9.69
CA LYS A 194 19.93 -10.66 -10.20
C LYS A 194 19.61 -11.69 -9.12
N GLU A 195 20.60 -11.90 -8.23
CA GLU A 195 20.51 -12.87 -7.13
C GLU A 195 19.34 -12.60 -6.18
N VAL A 196 18.85 -11.35 -6.21
CA VAL A 196 17.85 -10.79 -5.35
C VAL A 196 16.48 -10.94 -6.01
N ALA A 197 16.42 -10.64 -7.31
CA ALA A 197 15.25 -10.99 -8.16
C ALA A 197 15.00 -12.49 -7.95
N ASP A 198 15.98 -13.34 -8.26
CA ASP A 198 15.91 -14.80 -8.01
C ASP A 198 15.45 -15.15 -6.60
N ARG A 199 16.20 -14.68 -5.59
CA ARG A 199 15.85 -14.89 -4.17
C ARG A 199 14.38 -14.53 -3.86
N ARG A 200 13.86 -13.59 -4.62
CA ARG A 200 12.53 -13.01 -4.37
C ARG A 200 11.51 -13.84 -5.11
N SER A 201 11.85 -14.20 -6.34
CA SER A 201 11.15 -15.22 -7.13
C SER A 201 11.00 -16.55 -6.43
N ALA A 202 12.05 -17.05 -5.82
CA ALA A 202 11.89 -18.29 -5.06
C ALA A 202 10.80 -18.06 -4.00
N ALA A 203 10.71 -16.85 -3.46
CA ALA A 203 9.87 -16.67 -2.30
C ALA A 203 8.39 -16.49 -2.73
N ILE A 204 8.18 -15.99 -3.94
CA ILE A 204 6.87 -16.02 -4.51
C ILE A 204 6.44 -17.47 -4.70
N GLU A 205 7.34 -18.31 -5.20
CA GLU A 205 7.01 -19.70 -5.54
C GLU A 205 6.77 -20.55 -4.29
N GLU A 206 7.72 -20.47 -3.34
CA GLU A 206 7.64 -21.20 -2.07
C GLU A 206 6.45 -20.83 -1.16
N SER A 207 5.95 -19.59 -1.24
CA SER A 207 4.88 -19.16 -0.36
C SER A 207 3.52 -19.47 -1.01
N ILE A 208 3.50 -19.48 -2.34
CA ILE A 208 2.39 -20.03 -3.06
C ILE A 208 2.28 -21.56 -2.86
N ASP A 209 3.42 -22.28 -2.91
CA ASP A 209 3.43 -23.73 -2.65
C ASP A 209 2.85 -24.03 -1.27
N TYR A 210 3.46 -23.39 -0.28
CA TYR A 210 3.05 -23.49 1.10
C TYR A 210 1.56 -23.13 1.30
N PHE A 211 1.09 -22.04 0.70
CA PHE A 211 -0.32 -21.63 0.89
C PHE A 211 -1.33 -22.65 0.39
N ARG A 212 -1.12 -23.21 -0.81
CA ARG A 212 -1.92 -24.35 -1.34
C ARG A 212 -2.11 -25.45 -0.29
N THR A 213 -0.96 -25.99 0.13
CA THR A 213 -0.85 -27.11 1.04
C THR A 213 -1.54 -26.84 2.38
N LEU A 214 -1.38 -25.63 2.94
CA LEU A 214 -2.09 -25.26 4.17
C LEU A 214 -3.63 -25.27 3.99
N ALA A 215 -4.10 -24.80 2.83
CA ALA A 215 -5.53 -24.77 2.48
C ALA A 215 -6.17 -26.14 2.27
N THR A 216 -5.43 -27.07 1.67
CA THR A 216 -6.03 -28.38 1.31
C THR A 216 -5.95 -29.33 2.49
N SER A 217 -5.30 -28.87 3.53
CA SER A 217 -4.84 -29.73 4.59
C SER A 217 -5.54 -29.33 5.85
N GLY A 218 -6.85 -29.59 5.80
CA GLY A 218 -7.81 -29.28 6.84
C GLY A 218 -7.46 -28.19 7.82
N ASN A 219 -7.22 -28.63 9.07
CA ASN A 219 -7.07 -27.71 10.20
C ASN A 219 -5.86 -26.75 10.12
N ALA A 220 -5.87 -25.92 9.07
CA ALA A 220 -5.28 -24.62 9.17
C ALA A 220 -5.95 -24.10 10.42
N PRO A 221 -5.19 -23.40 11.29
CA PRO A 221 -5.85 -22.70 12.38
C PRO A 221 -7.02 -21.83 11.90
N GLU A 222 -7.89 -21.43 12.84
CA GLU A 222 -8.84 -20.34 12.62
C GLU A 222 -8.16 -19.14 11.95
N GLY A 223 -8.80 -18.58 10.91
CA GLY A 223 -8.23 -17.44 10.17
C GLY A 223 -8.50 -17.49 8.69
N LEU A 224 -7.67 -16.80 7.91
CA LEU A 224 -8.02 -16.38 6.56
C LEU A 224 -7.89 -17.49 5.57
N VAL A 225 -6.77 -18.22 5.62
CA VAL A 225 -6.56 -19.39 4.76
C VAL A 225 -7.73 -20.32 4.88
N ARG A 226 -8.14 -20.61 6.10
CA ARG A 226 -9.21 -21.57 6.27
C ARG A 226 -10.51 -20.97 5.71
N ARG A 227 -10.81 -19.72 6.06
CA ARG A 227 -12.08 -19.13 5.63
C ARG A 227 -12.19 -18.94 4.12
N LEU A 228 -11.05 -18.75 3.43
CA LEU A 228 -10.98 -18.67 1.97
C LEU A 228 -11.41 -19.99 1.33
N SER A 229 -11.03 -21.10 1.96
CA SER A 229 -11.59 -22.44 1.63
C SER A 229 -13.13 -22.56 1.82
N GLU A 230 -13.66 -22.07 2.96
CA GLU A 230 -15.10 -22.28 3.29
C GLU A 230 -16.09 -21.38 2.56
N VAL A 231 -15.60 -20.26 2.01
CA VAL A 231 -16.52 -19.28 1.41
C VAL A 231 -17.27 -19.84 0.20
N SER A 232 -18.60 -19.69 0.19
CA SER A 232 -19.46 -20.24 -0.87
C SER A 232 -20.65 -19.33 -1.16
N HIS A 233 -20.69 -18.76 -2.37
CA HIS A 233 -21.75 -17.82 -2.79
C HIS A 233 -22.70 -18.46 -3.80
N GLY A 234 -23.53 -19.38 -3.31
CA GLY A 234 -24.50 -20.13 -4.15
C GLY A 234 -23.79 -21.07 -5.12
N GLY A 235 -22.97 -21.96 -4.58
CA GLY A 235 -22.20 -22.88 -5.43
C GLY A 235 -20.86 -22.35 -5.90
N ASP A 236 -20.71 -21.01 -5.88
CA ASP A 236 -19.47 -20.42 -6.38
C ASP A 236 -18.47 -20.30 -5.26
N GLN A 237 -17.21 -20.61 -5.57
CA GLN A 237 -16.21 -20.74 -4.55
C GLN A 237 -14.77 -20.65 -5.13
N LEU A 238 -13.83 -20.19 -4.31
CA LEU A 238 -12.45 -20.08 -4.81
C LEU A 238 -11.85 -21.44 -5.04
N SER A 239 -11.23 -21.64 -6.21
CA SER A 239 -10.33 -22.74 -6.41
C SER A 239 -9.18 -22.69 -5.39
N VAL A 240 -8.29 -23.67 -5.43
CA VAL A 240 -7.20 -23.78 -4.48
C VAL A 240 -5.97 -22.93 -4.95
N ASP A 241 -5.76 -22.83 -6.26
CA ASP A 241 -4.78 -21.85 -6.74
C ASP A 241 -5.24 -20.39 -6.50
N GLU A 242 -6.56 -20.13 -6.56
CA GLU A 242 -7.09 -18.80 -6.26
C GLU A 242 -6.85 -18.45 -4.80
N ILE A 243 -7.03 -19.42 -3.89
CA ILE A 243 -6.85 -19.27 -2.43
C ILE A 243 -5.38 -18.96 -2.12
N ALA A 244 -4.46 -19.64 -2.77
CA ALA A 244 -3.03 -19.45 -2.50
C ALA A 244 -2.51 -18.14 -3.08
N ALA A 245 -2.97 -17.79 -4.30
CA ALA A 245 -2.60 -16.50 -4.88
C ALA A 245 -3.10 -15.26 -4.10
N THR A 246 -4.35 -15.31 -3.65
CA THR A 246 -4.93 -14.39 -2.67
C THR A 246 -4.17 -14.30 -1.35
N CYS A 247 -3.82 -15.41 -0.77
CA CYS A 247 -2.92 -15.35 0.42
C CYS A 247 -1.65 -14.53 0.20
N LEU A 248 -0.96 -14.80 -0.91
CA LEU A 248 0.26 -14.05 -1.27
C LEU A 248 -0.10 -12.57 -1.49
N LEU A 249 -1.24 -12.30 -2.17
CA LEU A 249 -1.57 -10.91 -2.51
C LEU A 249 -1.74 -10.09 -1.22
N ILE A 250 -2.48 -10.68 -0.29
CA ILE A 250 -2.66 -10.14 1.02
C ILE A 250 -1.37 -9.98 1.83
N THR A 251 -0.45 -10.92 1.71
CA THR A 251 0.85 -10.81 2.38
C THR A 251 1.71 -9.67 1.81
N VAL A 252 1.55 -9.35 0.50
CA VAL A 252 2.33 -8.28 -0.11
C VAL A 252 1.55 -6.93 0.11
N ALA A 253 0.27 -6.94 -0.30
CA ALA A 253 -0.55 -5.76 -0.17
C ALA A 253 -0.42 -5.04 1.16
N GLY A 254 -0.46 -5.74 2.27
CA GLY A 254 -0.50 -5.07 3.60
C GLY A 254 0.82 -4.78 4.31
N GLN A 255 1.93 -5.18 3.70
CA GLN A 255 3.21 -4.96 4.35
C GLN A 255 3.80 -3.55 4.15
N GLU A 256 4.19 -3.17 2.93
CA GLU A 256 4.96 -1.94 2.77
C GLU A 256 4.10 -0.71 2.84
N THR A 257 2.84 -0.84 2.45
CA THR A 257 1.85 0.22 2.65
C THR A 257 1.77 0.57 4.15
N THR A 258 1.71 -0.45 5.02
CA THR A 258 1.55 -0.23 6.46
C THR A 258 2.90 0.20 7.03
N SER A 259 3.99 -0.51 6.69
CA SER A 259 5.27 -0.10 7.29
C SER A 259 5.68 1.28 6.83
N ASN A 260 5.46 1.63 5.55
CA ASN A 260 5.84 2.96 5.06
C ASN A 260 5.09 4.01 5.86
N THR A 261 3.81 3.77 6.12
CA THR A 261 2.99 4.70 6.85
C THR A 261 3.38 4.88 8.31
N ILE A 262 3.83 3.83 8.99
CA ILE A 262 4.36 3.94 10.33
C ILE A 262 5.59 4.87 10.29
N GLY A 263 6.48 4.65 9.30
CA GLY A 263 7.69 5.50 9.18
C GLY A 263 7.39 6.97 8.90
N ASN A 264 6.54 7.19 7.90
CA ASN A 264 6.02 8.51 7.53
C ASN A 264 5.25 9.18 8.69
N MET A 265 4.48 8.41 9.46
CA MET A 265 3.76 8.97 10.62
C MET A 265 4.75 9.56 11.59
N LEU A 266 5.77 8.76 11.89
CA LEU A 266 6.90 9.16 12.73
C LEU A 266 7.60 10.47 12.27
N ILE A 267 8.07 10.48 11.02
CA ILE A 267 8.66 11.65 10.39
C ILE A 267 7.75 12.87 10.53
N THR A 268 6.45 12.68 10.29
CA THR A 268 5.49 13.80 10.34
C THR A 268 5.22 14.38 11.74
N PHE A 269 5.06 13.53 12.75
CA PHE A 269 4.97 14.08 14.12
C PHE A 269 6.29 14.64 14.67
N SER A 270 7.42 14.25 14.09
CA SER A 270 8.73 14.83 14.41
C SER A 270 8.78 16.25 13.86
N ARG A 271 8.31 16.39 12.64
CA ARG A 271 8.29 17.68 11.99
C ARG A 271 7.21 18.64 12.53
N HIS A 272 6.15 18.11 13.13
CA HIS A 272 5.02 18.96 13.62
C HIS A 272 4.62 18.59 15.03
N ALA A 273 5.45 18.96 16.01
CA ALA A 273 5.33 18.43 17.39
C ALA A 273 4.03 18.85 18.05
N ASP A 274 3.49 19.96 17.57
CA ASP A 274 2.27 20.55 18.09
C ASP A 274 1.05 19.68 17.74
N GLN A 275 1.05 19.08 16.54
CA GLN A 275 -0.06 18.24 16.06
C GLN A 275 -0.12 16.95 16.87
N PHE A 276 1.07 16.47 17.25
CA PHE A 276 1.22 15.32 18.12
C PHE A 276 0.67 15.66 19.49
N GLU A 277 1.09 16.81 20.03
CA GLU A 277 0.60 17.31 21.31
C GLU A 277 -0.94 17.29 21.37
N GLN A 278 -1.58 17.76 20.29
CA GLN A 278 -3.03 17.68 20.11
C GLN A 278 -3.59 16.27 20.30
N VAL A 279 -2.94 15.27 19.71
CA VAL A 279 -3.39 13.88 19.80
C VAL A 279 -3.35 13.33 21.25
N ARG A 280 -2.14 13.38 21.86
CA ARG A 280 -1.94 12.97 23.26
C ARG A 280 -2.89 13.69 24.25
N ALA A 281 -3.21 14.95 23.95
CA ALA A 281 -4.18 15.72 24.75
C ALA A 281 -5.64 15.55 24.32
N ASN A 282 -5.90 15.21 23.05
CA ASN A 282 -7.27 15.00 22.56
C ASN A 282 -7.45 13.68 21.84
N PRO A 283 -7.65 12.59 22.60
CA PRO A 283 -7.63 11.23 22.02
C PRO A 283 -8.83 10.88 21.14
N GLN A 284 -9.90 11.68 21.20
CA GLN A 284 -11.03 11.51 20.28
C GLN A 284 -10.66 11.86 18.81
N PHE A 285 -9.48 12.43 18.61
CA PHE A 285 -9.01 12.77 17.27
C PHE A 285 -8.11 11.71 16.63
N ILE A 286 -7.84 10.60 17.35
CA ILE A 286 -6.94 9.53 16.90
C ILE A 286 -7.27 9.00 15.51
N GLU A 287 -8.55 8.88 15.19
CA GLU A 287 -8.93 8.37 13.88
C GLU A 287 -8.72 9.43 12.79
N ASN A 288 -9.05 10.66 13.11
CA ASN A 288 -8.90 11.80 12.19
C ASN A 288 -7.44 12.09 11.85
N ALA A 289 -6.56 11.86 12.83
CA ALA A 289 -5.11 11.98 12.71
C ALA A 289 -4.51 10.95 11.83
N VAL A 290 -5.06 9.73 11.90
CA VAL A 290 -4.58 8.66 11.07
C VAL A 290 -4.92 8.92 9.58
N ALA A 291 -6.19 9.21 9.30
CA ALA A 291 -6.65 9.67 7.98
C ALA A 291 -5.82 10.83 7.42
N GLU A 292 -5.38 11.72 8.31
CA GLU A 292 -4.57 12.89 7.96
C GLU A 292 -3.12 12.56 7.61
N VAL A 293 -2.45 11.76 8.44
CA VAL A 293 -1.15 11.19 8.08
C VAL A 293 -1.27 10.61 6.66
N LEU A 294 -2.26 9.74 6.47
CA LEU A 294 -2.40 8.98 5.22
C LEU A 294 -2.64 9.93 4.05
N ARG A 295 -3.34 11.04 4.33
CA ARG A 295 -3.54 12.11 3.34
C ARG A 295 -2.24 12.90 3.04
N PHE A 296 -1.59 13.39 4.11
CA PHE A 296 -0.36 14.20 4.03
C PHE A 296 0.83 13.40 3.56
N GLU A 297 0.95 12.15 3.99
CA GLU A 297 2.10 11.36 3.58
C GLU A 297 1.65 9.93 3.24
N PRO A 298 1.02 9.75 2.05
CA PRO A 298 0.46 8.43 1.71
C PRO A 298 1.56 7.46 1.40
N PRO A 299 1.36 6.15 1.66
CA PRO A 299 2.49 5.26 1.41
C PRO A 299 2.64 4.95 -0.10
N ALA A 300 1.50 5.01 -0.82
CA ALA A 300 1.51 4.89 -2.26
C ALA A 300 1.19 6.25 -2.89
N HIS A 301 2.15 6.81 -3.63
CA HIS A 301 1.95 8.09 -4.36
C HIS A 301 1.19 7.93 -5.66
N GLU A 302 1.20 6.71 -6.20
CA GLU A 302 0.37 6.36 -7.37
C GLU A 302 -0.46 5.07 -7.35
N ALA A 303 -1.62 5.17 -8.02
CA ALA A 303 -2.45 4.04 -8.41
C ALA A 303 -2.39 3.97 -9.95
N GLY A 304 -2.57 2.78 -10.54
CA GLY A 304 -2.47 2.66 -12.00
C GLY A 304 -3.79 2.26 -12.68
N ARG A 305 -4.04 2.80 -13.87
CA ARG A 305 -5.18 2.38 -14.69
C ARG A 305 -4.80 2.18 -16.14
N ILE A 306 -5.64 1.41 -16.83
CA ILE A 306 -5.56 1.19 -18.25
C ILE A 306 -6.92 1.61 -18.75
N ALA A 307 -6.93 2.50 -19.76
CA ALA A 307 -8.16 2.85 -20.45
C ALA A 307 -8.65 1.65 -21.26
N LEU A 308 -9.92 1.30 -21.06
CA LEU A 308 -10.55 0.22 -21.80
C LEU A 308 -11.25 0.77 -23.03
N GLU A 309 -11.14 2.09 -23.19
CA GLU A 309 -11.89 2.83 -24.20
C GLU A 309 -11.26 4.23 -24.38
N ASP A 310 -11.20 4.68 -25.65
CA ASP A 310 -10.77 6.04 -25.98
C ASP A 310 -11.64 7.04 -25.21
N CYS A 311 -11.02 8.11 -24.71
CA CYS A 311 -11.59 8.82 -23.59
C CYS A 311 -11.13 10.25 -23.52
N GLU A 312 -11.85 11.05 -22.73
CA GLU A 312 -11.55 12.46 -22.54
C GLU A 312 -11.58 12.72 -21.04
N VAL A 313 -10.47 13.17 -20.48
CA VAL A 313 -10.46 13.61 -19.09
C VAL A 313 -9.82 14.99 -18.91
N SER A 314 -10.67 16.00 -19.12
CA SER A 314 -10.27 17.39 -18.95
C SER A 314 -9.33 17.78 -20.10
N GLY A 315 -9.87 17.82 -21.32
CA GLY A 315 -9.14 18.27 -22.49
C GLY A 315 -7.91 17.44 -22.86
N ALA A 316 -7.73 16.33 -22.15
CA ALA A 316 -6.68 15.36 -22.47
C ALA A 316 -7.29 14.15 -23.20
N ASN A 317 -6.54 13.64 -24.18
CA ASN A 317 -7.06 12.68 -25.15
C ASN A 317 -6.40 11.31 -25.06
N ILE A 318 -7.03 10.41 -24.32
CA ILE A 318 -6.42 9.11 -23.96
C ILE A 318 -6.93 7.96 -24.84
N THR A 319 -5.98 7.14 -25.28
CA THR A 319 -6.20 6.17 -26.34
C THR A 319 -6.30 4.77 -25.74
N LYS A 320 -7.28 3.99 -26.18
CA LYS A 320 -7.49 2.62 -25.72
C LYS A 320 -6.17 1.88 -25.43
N GLY A 321 -6.00 1.43 -24.19
CA GLY A 321 -4.78 0.73 -23.85
C GLY A 321 -3.65 1.60 -23.35
N ASP A 322 -3.88 2.90 -23.21
CA ASP A 322 -2.89 3.77 -22.58
C ASP A 322 -2.90 3.51 -21.08
N ALA A 323 -1.71 3.54 -20.48
CA ALA A 323 -1.53 3.48 -19.03
C ALA A 323 -1.67 4.89 -18.44
N VAL A 324 -2.33 4.97 -17.30
CA VAL A 324 -2.58 6.22 -16.61
C VAL A 324 -2.14 6.05 -15.17
N MET A 325 -1.25 6.94 -14.76
CA MET A 325 -0.68 6.96 -13.44
C MET A 325 -1.46 7.98 -12.64
N VAL A 326 -2.19 7.56 -11.63
CA VAL A 326 -2.99 8.50 -10.86
C VAL A 326 -2.23 8.96 -9.61
N LEU A 327 -1.89 10.25 -9.53
CA LEU A 327 -1.10 10.75 -8.40
C LEU A 327 -1.93 11.04 -7.16
N LEU A 328 -2.21 9.98 -6.42
CA LEU A 328 -2.93 10.05 -5.15
C LEU A 328 -2.35 11.11 -4.21
N ALA A 329 -1.02 11.17 -4.14
CA ALA A 329 -0.30 12.07 -3.25
C ALA A 329 -0.55 13.56 -3.61
N SER A 330 -0.54 13.85 -4.91
CA SER A 330 -0.87 15.17 -5.44
C SER A 330 -2.34 15.60 -5.18
N GLY A 331 -3.29 14.81 -5.65
CA GLY A 331 -4.70 15.08 -5.41
C GLY A 331 -4.97 15.40 -3.96
N ASN A 332 -4.48 14.56 -3.06
CA ASN A 332 -4.67 14.76 -1.62
C ASN A 332 -4.37 16.16 -1.10
N ARG A 333 -3.31 16.79 -1.65
CA ARG A 333 -2.84 18.08 -1.19
C ARG A 333 -3.89 19.19 -1.48
N GLU A 334 -4.83 18.87 -2.38
CA GLU A 334 -5.98 19.75 -2.62
C GLU A 334 -7.34 19.11 -2.26
N ALA A 335 -7.34 17.97 -1.56
CA ALA A 335 -8.61 17.29 -1.18
C ALA A 335 -9.37 18.02 -0.06
N VAL A 336 -8.64 18.80 0.73
CA VAL A 336 -9.16 19.60 1.86
C VAL A 336 -8.64 21.05 1.74
N GLU A 337 -9.23 22.01 2.44
CA GLU A 337 -8.69 23.37 2.48
C GLU A 337 -7.28 23.44 3.12
N ARG A 338 -6.43 24.38 2.67
CA ARG A 338 -5.02 24.46 3.11
C ARG A 338 -4.33 23.07 3.19
N GLY A 339 -4.43 22.33 2.09
CA GLY A 339 -3.98 20.96 2.04
C GLY A 339 -2.49 20.73 2.24
N ASP A 340 -1.69 21.78 2.22
CA ASP A 340 -0.25 21.63 2.47
C ASP A 340 0.06 21.70 3.98
N THR A 341 -0.97 21.98 4.80
CA THR A 341 -0.83 21.98 6.27
C THR A 341 -1.26 20.65 6.83
N PHE A 342 -0.37 20.07 7.63
CA PHE A 342 -0.70 18.85 8.33
C PHE A 342 -1.47 19.28 9.56
N SER A 343 -2.75 18.91 9.59
CA SER A 343 -3.61 19.22 10.74
C SER A 343 -4.43 17.99 11.13
N VAL A 344 -4.24 17.54 12.36
CA VAL A 344 -4.91 16.37 12.89
C VAL A 344 -6.29 16.74 13.40
N THR A 345 -6.64 18.02 13.32
CA THR A 345 -7.96 18.41 13.78
C THR A 345 -8.98 18.65 12.65
N ARG A 346 -8.55 18.45 11.41
CA ARG A 346 -9.47 18.46 10.25
C ARG A 346 -10.77 17.69 10.47
N PRO A 347 -11.90 18.42 10.54
CA PRO A 347 -13.21 17.80 10.74
C PRO A 347 -13.81 17.42 9.38
N ASP A 348 -13.13 16.54 8.67
CA ASP A 348 -13.23 16.47 7.22
C ASP A 348 -12.53 15.19 6.73
N VAL A 349 -11.23 15.32 6.44
CA VAL A 349 -10.35 14.21 5.95
C VAL A 349 -10.88 13.38 4.76
N SER A 350 -10.93 14.04 3.60
CA SER A 350 -11.21 13.44 2.31
C SER A 350 -9.83 13.08 1.79
N SER A 351 -9.68 11.88 1.25
CA SER A 351 -8.35 11.37 0.86
C SER A 351 -8.46 10.36 -0.29
N LEU A 352 -7.47 10.37 -1.17
CA LEU A 352 -7.35 9.35 -2.22
C LEU A 352 -6.40 8.17 -1.87
N SER A 353 -5.91 8.11 -0.63
CA SER A 353 -4.84 7.16 -0.33
C SER A 353 -5.18 5.65 -0.45
N TYR A 354 -6.48 5.34 -0.43
CA TYR A 354 -6.96 3.98 -0.57
C TYR A 354 -7.61 3.68 -1.93
N GLY A 355 -7.57 4.64 -2.87
CA GLY A 355 -8.15 4.46 -4.18
C GLY A 355 -9.63 4.78 -4.00
N ARG A 356 -10.43 4.65 -5.05
CA ARG A 356 -11.89 4.90 -4.98
C ARG A 356 -12.59 3.99 -5.99
N GLY A 357 -13.82 3.58 -5.67
CA GLY A 357 -14.55 2.69 -6.52
C GLY A 357 -14.32 1.24 -6.20
N ILE A 358 -14.41 0.40 -7.24
CA ILE A 358 -14.57 -1.04 -7.06
C ILE A 358 -13.28 -1.62 -6.50
N HIS A 359 -12.15 -0.96 -6.74
CA HIS A 359 -10.86 -1.43 -6.24
C HIS A 359 -10.46 -0.77 -4.95
N HIS A 360 -11.36 0.02 -4.34
CA HIS A 360 -11.04 0.60 -3.03
C HIS A 360 -10.33 -0.35 -2.10
N CYS A 361 -9.19 0.06 -1.56
CA CYS A 361 -8.36 -0.88 -0.77
C CYS A 361 -9.09 -1.89 0.13
N LEU A 362 -9.36 -3.11 -0.27
CA LEU A 362 -9.93 -4.09 0.65
C LEU A 362 -9.43 -4.13 2.13
N GLY A 363 -8.11 -3.95 2.37
CA GLY A 363 -7.58 -3.96 3.73
C GLY A 363 -7.70 -2.66 4.52
N SER A 364 -8.50 -1.70 4.05
CA SER A 364 -8.44 -0.38 4.64
C SER A 364 -9.00 -0.21 6.07
N ALA A 365 -10.03 -0.97 6.48
CA ALA A 365 -10.45 -1.03 7.89
C ALA A 365 -9.36 -1.60 8.80
N LEU A 366 -8.56 -2.56 8.27
CA LEU A 366 -7.52 -3.24 9.04
C LEU A 366 -6.29 -2.37 9.14
N ALA A 367 -5.81 -1.84 8.03
CA ALA A 367 -4.75 -0.84 8.06
C ALA A 367 -5.10 0.31 9.03
N ASN A 368 -6.33 0.82 8.97
CA ASN A 368 -6.79 1.89 9.88
C ASN A 368 -6.76 1.48 11.34
N SER A 369 -7.29 0.28 11.62
CA SER A 369 -7.19 -0.29 12.96
C SER A 369 -5.75 -0.36 13.45
N MET A 370 -4.88 -0.97 12.64
CA MET A 370 -3.45 -1.07 12.98
C MET A 370 -2.84 0.30 13.30
N LEU A 371 -3.13 1.27 12.43
CA LEU A 371 -2.51 2.57 12.47
C LEU A 371 -3.02 3.35 13.66
N GLN A 372 -4.32 3.19 13.96
CA GLN A 372 -4.99 3.82 15.12
C GLN A 372 -4.53 3.31 16.45
N HIS A 373 -4.41 1.99 16.59
CA HIS A 373 -3.85 1.40 17.81
C HIS A 373 -2.41 1.79 17.97
N PHE A 374 -1.70 1.91 16.85
CA PHE A 374 -0.29 2.27 16.93
C PHE A 374 -0.13 3.69 17.45
N LEU A 375 -0.90 4.62 16.88
CA LEU A 375 -0.83 6.02 17.25
C LEU A 375 -1.29 6.22 18.74
N ARG A 376 -2.37 5.53 19.13
CA ARG A 376 -2.92 5.57 20.49
C ARG A 376 -1.91 5.14 21.55
N GLU A 377 -1.19 4.04 21.27
CA GLU A 377 -0.13 3.58 22.17
C GLU A 377 1.02 4.58 22.17
N LEU A 378 1.38 5.04 20.97
CA LEU A 378 2.41 6.01 20.75
C LEU A 378 2.25 7.29 21.58
N SER A 379 1.07 7.88 21.48
CA SER A 379 0.76 9.16 22.09
C SER A 379 0.55 9.00 23.58
N GLN A 380 0.06 7.84 23.99
CA GLN A 380 -0.13 7.54 25.42
C GLN A 380 1.22 7.29 26.10
N ARG A 381 2.13 6.60 25.42
CA ARG A 381 3.46 6.29 25.94
C ARG A 381 4.48 7.46 25.92
N TYR A 382 4.44 8.30 24.89
CA TYR A 382 5.53 9.27 24.63
C TYR A 382 5.04 10.71 24.54
N ARG A 383 5.81 11.62 25.13
CA ARG A 383 5.50 13.06 25.04
C ARG A 383 6.03 13.70 23.74
N SER A 384 7.16 13.22 23.25
CA SER A 384 7.77 13.74 22.02
C SER A 384 8.40 12.61 21.20
N ILE A 385 8.42 12.80 19.89
CA ILE A 385 9.21 11.95 19.01
C ILE A 385 9.98 12.85 18.05
N GLU A 386 11.24 12.52 17.84
CA GLU A 386 12.04 13.23 16.86
C GLU A 386 12.89 12.27 16.03
N VAL A 387 12.79 12.41 14.70
CA VAL A 387 13.57 11.59 13.80
C VAL A 387 14.77 12.39 13.27
N ALA A 388 15.90 11.72 13.08
CA ALA A 388 17.08 12.41 12.60
C ALA A 388 16.94 12.70 11.10
N GLU A 389 17.19 13.95 10.72
CA GLU A 389 17.14 14.44 9.34
C GLU A 389 18.58 14.51 8.79
N PRO A 390 18.78 14.30 7.47
CA PRO A 390 17.77 14.03 6.44
C PRO A 390 17.37 12.58 6.36
N ILE A 391 16.23 12.34 5.73
CA ILE A 391 15.72 11.00 5.60
C ILE A 391 16.04 10.38 4.23
N ASN A 392 16.58 9.17 4.29
CA ASN A 392 16.76 8.31 3.12
C ASN A 392 15.51 7.47 2.86
N TYR A 393 14.97 7.61 1.66
CA TYR A 393 13.77 6.92 1.23
C TYR A 393 14.08 5.66 0.43
N LYS A 394 13.22 4.65 0.57
CA LYS A 394 13.32 3.40 -0.20
C LYS A 394 13.29 3.70 -1.71
N PRO A 395 13.99 2.88 -2.52
CA PRO A 395 13.78 3.12 -3.93
C PRO A 395 12.41 2.61 -4.41
N GLY A 396 12.04 2.95 -5.63
CA GLY A 396 10.87 2.38 -6.26
C GLY A 396 10.04 3.41 -6.98
N MET A 397 9.12 2.95 -7.81
CA MET A 397 8.38 3.85 -8.71
C MET A 397 7.15 4.50 -8.09
N GLY A 398 6.34 3.74 -7.38
CA GLY A 398 5.07 4.26 -6.85
C GLY A 398 4.94 4.39 -5.33
N LEU A 399 5.84 3.77 -4.57
CA LEU A 399 5.70 3.76 -3.09
C LEU A 399 6.68 4.73 -2.45
N ARG A 400 6.32 5.27 -1.29
CA ARG A 400 7.20 6.19 -0.60
C ARG A 400 7.19 5.98 0.89
N GLY A 401 8.41 5.80 1.41
CA GLY A 401 8.61 5.64 2.85
C GLY A 401 10.10 5.51 3.09
N PRO A 402 10.54 5.70 4.33
CA PRO A 402 11.96 5.68 4.68
C PRO A 402 12.59 4.26 4.67
N GLU A 403 13.86 4.21 4.30
CA GLU A 403 14.65 2.97 4.26
C GLU A 403 15.12 2.58 5.67
N THR A 404 15.61 3.58 6.40
CA THR A 404 16.11 3.49 7.79
C THR A 404 15.51 4.69 8.56
N LEU A 405 15.59 4.68 9.89
CA LEU A 405 14.99 5.77 10.67
C LEU A 405 15.54 5.75 12.09
N SER A 406 16.19 6.83 12.51
CA SER A 406 16.63 6.98 13.90
C SER A 406 15.65 7.88 14.61
N VAL A 407 15.05 7.37 15.68
CA VAL A 407 14.08 8.19 16.39
C VAL A 407 14.48 8.32 17.84
N ALA A 408 14.45 9.54 18.32
CA ALA A 408 14.56 9.82 19.73
C ALA A 408 13.15 9.99 20.26
N VAL A 409 12.96 9.51 21.48
CA VAL A 409 11.65 9.34 22.04
C VAL A 409 11.74 9.74 23.52
N SER A 410 10.63 10.22 24.09
CA SER A 410 10.61 10.68 25.49
C SER A 410 9.25 10.42 26.17
N ARG A 411 9.28 10.03 27.44
CA ARG A 411 8.08 9.54 28.17
C ARG A 411 7.16 10.63 28.73
#